data_7HIY
#
_entry.id   7HIY
#
_cell.length_a   26.277
_cell.length_b   47.527
_cell.length_c   46.452
_cell.angle_alpha   90.000
_cell.angle_beta   103.100
_cell.angle_gamma   90.000
#
_symmetry.space_group_name_H-M   'P 1 21 1'
#
loop_
_entity.id
_entity.type
_entity.pdbx_description
1 polymer 'De novo designed ABLE protein'
2 non-polymer 7-hydroxy-2H-chromen-2-one
3 water water
#
_entity_poly.entity_id   1
_entity_poly.type   'polypeptide(L)'
_entity_poly.pdbx_seq_one_letter_code
;SVKSEYAEAAAVGQEAVAVFNTMKAAFQNGDKEAVAQYLARLASLYTRHEELLNRILEKARREGNKEAVTLMNEFTATFQ
TGKSIFNAMVAAFKNGDDDSFESYLQALEKVTAKGETLADQIAKAL
;
_entity_poly.pdbx_strand_id   A
#
loop_
_chem_comp.id
_chem_comp.type
_chem_comp.name
_chem_comp.formula
07L non-polymer 7-hydroxy-2H-chromen-2-one 'C9 H6 O3'
#
# COMPACT_ATOMS: atom_id res chain seq x y z
N SER A 1 20.44 5.76 7.09
N SER A 1 20.48 5.90 7.33
CA SER A 1 20.61 4.29 7.13
CA SER A 1 20.72 4.45 7.16
C SER A 1 19.43 3.63 6.45
C SER A 1 19.51 3.80 6.53
N VAL A 2 19.57 2.32 6.17
N VAL A 2 19.58 2.49 6.35
CA VAL A 2 18.44 1.58 5.60
CA VAL A 2 18.42 1.76 5.85
C VAL A 2 17.29 1.53 6.59
C VAL A 2 17.26 1.92 6.82
N LYS A 3 17.61 1.54 7.89
N LYS A 3 17.55 2.14 8.11
CA LYS A 3 16.53 1.47 8.88
CA LYS A 3 16.45 2.22 9.08
C LYS A 3 15.76 2.78 8.96
C LYS A 3 15.70 3.55 8.99
N SER A 4 16.46 3.91 8.82
N SER A 4 16.39 4.67 8.74
CA SER A 4 15.77 5.19 8.76
CA SER A 4 15.66 5.91 8.48
C SER A 4 14.96 5.31 7.48
C SER A 4 14.88 5.80 7.17
N GLU A 5 15.48 4.81 6.37
N GLU A 5 15.45 5.13 6.18
CA GLU A 5 14.73 4.84 5.11
CA GLU A 5 14.70 4.83 4.97
C GLU A 5 13.46 4.02 5.22
C GLU A 5 13.50 3.94 5.28
N TYR A 6 13.50 2.88 5.91
N TYR A 6 13.59 3.06 6.29
CA TYR A 6 12.29 2.08 6.08
CA TYR A 6 12.40 2.31 6.68
C TYR A 6 11.26 2.83 6.92
C TYR A 6 11.40 3.18 7.43
N ALA A 7 11.70 3.49 7.99
N ALA A 7 11.86 4.18 8.18
CA ALA A 7 10.78 4.31 8.78
CA ALA A 7 10.90 5.05 8.87
C ALA A 7 10.15 5.39 7.92
C ALA A 7 10.14 5.91 7.88
N GLU A 8 10.94 6.00 7.03
N GLU A 8 10.75 6.25 6.76
CA GLU A 8 10.42 6.98 6.09
CA GLU A 8 10.03 7.00 5.74
C GLU A 8 9.39 6.33 5.17
C GLU A 8 8.98 6.14 5.05
N ALA A 9 9.71 5.14 4.65
N ALA A 9 9.35 4.91 4.67
CA ALA A 9 8.77 4.42 3.78
CA ALA A 9 8.37 4.01 4.07
C ALA A 9 7.50 4.04 4.55
C ALA A 9 7.20 3.74 5.03
N ALA A 10 7.63 3.63 5.81
N ALA A 10 7.49 3.60 6.33
CA ALA A 10 6.45 3.26 6.58
CA ALA A 10 6.40 3.42 7.28
C ALA A 10 5.52 4.44 6.78
C ALA A 10 5.48 4.63 7.30
N ALA A 11 6.08 5.63 6.98
N ALA A 11 6.04 5.83 7.17
CA ALA A 11 5.25 6.82 7.15
CA ALA A 11 5.22 7.04 7.23
C ALA A 11 4.46 7.11 5.88
C ALA A 11 4.34 7.16 5.99
N VAL A 12 5.13 7.01 4.74
N VAL A 12 4.87 6.79 4.82
CA VAL A 12 4.44 7.15 3.45
CA VAL A 12 4.07 6.82 3.60
C VAL A 12 3.33 6.11 3.34
C VAL A 12 2.94 5.79 3.68
N GLY A 13 3.56 4.89 3.83
N GLY A 13 3.25 4.58 4.14
CA GLY A 13 2.52 3.88 3.82
CA GLY A 13 2.19 3.62 4.38
C GLY A 13 1.35 4.22 4.72
C GLY A 13 1.09 4.18 5.27
N GLN A 14 1.64 4.77 5.92
N GLN A 14 1.47 4.92 6.31
CA GLN A 14 0.56 5.15 6.84
CA GLN A 14 0.45 5.53 7.17
C GLN A 14 -0.24 6.33 6.32
C GLN A 14 -0.28 6.66 6.45
N GLU A 15 0.37 7.22 5.55
N GLU A 15 0.39 7.38 5.55
CA GLU A 15 -0.38 8.29 4.91
CA GLU A 15 -0.33 8.43 4.82
C GLU A 15 -1.43 7.68 4.00
C GLU A 15 -1.36 7.83 3.89
N ALA A 16 -1.01 6.72 3.17
N ALA A 16 -1.06 6.66 3.33
CA ALA A 16 -1.95 6.10 2.25
CA ALA A 16 -2.02 5.95 2.50
C ALA A 16 -3.07 5.38 2.97
C ALA A 16 -3.20 5.45 3.33
N VAL A 17 -2.80 4.82 4.15
N VAL A 17 -2.92 4.89 4.51
CA VAL A 17 -3.88 4.25 4.95
CA VAL A 17 -3.98 4.45 5.41
C VAL A 17 -4.87 5.34 5.38
C VAL A 17 -4.95 5.59 5.69
N ALA A 18 -4.36 6.48 5.82
N ALA A 18 -4.42 6.78 5.98
CA ALA A 18 -5.24 7.58 6.21
CA ALA A 18 -5.28 7.91 6.31
C ALA A 18 -6.09 8.03 5.03
C ALA A 18 -6.12 8.34 5.12
N VAL A 19 -5.45 8.31 3.89
N VAL A 19 -5.50 8.42 3.95
CA VAL A 19 -6.21 8.78 2.73
CA VAL A 19 -6.23 8.84 2.75
C VAL A 19 -7.23 7.73 2.29
C VAL A 19 -7.25 7.79 2.34
N PHE A 20 -6.86 6.46 2.37
N PHE A 20 -6.88 6.51 2.45
CA PHE A 20 -7.80 5.38 2.02
CA PHE A 20 -7.82 5.43 2.16
C PHE A 20 -9.04 5.43 2.87
C PHE A 20 -9.05 5.51 3.06
N ASN A 21 -8.88 5.50 4.19
N ASN A 21 -8.86 5.87 4.33
CA ASN A 21 -10.04 5.51 5.07
CA ASN A 21 -10.01 5.94 5.23
C ASN A 21 -10.92 6.72 4.81
C ASN A 21 -10.90 7.13 4.91
N THR A 22 -10.32 7.89 4.58
N THR A 22 -10.34 8.25 4.48
CA THR A 22 -11.10 9.06 4.17
CA THR A 22 -11.21 9.34 4.05
C THR A 22 -11.83 8.78 2.88
C THR A 22 -11.87 9.03 2.71
N MET A 23 -11.13 8.22 1.90
N MET A 23 -11.21 8.25 1.86
CA MET A 23 -11.74 7.86 0.61
CA MET A 23 -11.80 7.88 0.57
C MET A 23 -12.97 6.96 0.81
C MET A 23 -12.96 6.88 0.73
N LYS A 24 -12.81 5.92 1.64
CA LYS A 24 -13.91 5.01 1.92
C LYS A 24 -15.12 5.75 2.47
N ALA A 25 -14.89 6.71 3.37
CA ALA A 25 -16.01 7.50 3.89
C ALA A 25 -16.69 8.26 2.77
N ALA A 26 -15.89 8.86 1.88
CA ALA A 26 -16.45 9.64 0.79
C ALA A 26 -17.23 8.75 -0.17
N PHE A 27 -16.73 7.53 -0.44
CA PHE A 27 -17.46 6.58 -1.28
C PHE A 27 -18.80 6.22 -0.64
N GLN A 28 -18.79 5.96 0.66
N GLN A 28 -18.79 5.98 0.66
CA GLN A 28 -20.05 5.59 1.31
CA GLN A 28 -20.03 5.61 1.35
C GLN A 28 -21.07 6.71 1.19
C GLN A 28 -21.05 6.76 1.30
N ASN A 29 -20.63 7.95 1.34
N ASN A 29 -20.57 8.00 1.35
CA ASN A 29 -21.47 9.14 1.28
CA ASN A 29 -21.43 9.18 1.28
C ASN A 29 -21.83 9.55 -0.14
C ASN A 29 -21.87 9.54 -0.13
N GLY A 30 -21.30 8.90 -1.15
CA GLY A 30 -21.61 9.20 -2.52
C GLY A 30 -20.93 10.40 -3.12
N ASP A 31 -19.80 10.85 -2.56
CA ASP A 31 -19.11 12.06 -3.02
C ASP A 31 -18.06 11.63 -4.06
N LYS A 32 -18.52 11.48 -5.30
N LYS A 32 -18.55 11.40 -5.28
CA LYS A 32 -17.65 10.95 -6.34
CA LYS A 32 -17.71 10.80 -6.32
C LYS A 32 -16.53 11.92 -6.70
C LYS A 32 -16.57 11.71 -6.72
N GLU A 33 -16.77 13.23 -6.62
N GLU A 33 -16.79 13.02 -6.73
CA GLU A 33 -15.69 14.17 -6.94
CA GLU A 33 -15.71 13.95 -7.07
C GLU A 33 -14.56 14.08 -5.92
C GLU A 33 -14.56 13.80 -6.09
N ALA A 34 -14.89 13.78 -4.66
N ALA A 34 -14.88 13.79 -4.80
CA ALA A 34 -13.87 13.59 -3.65
CA ALA A 34 -13.86 13.61 -3.77
C ALA A 34 -13.17 12.25 -3.82
C ALA A 34 -13.16 12.27 -3.95
N VAL A 35 -13.93 11.20 -4.18
CA VAL A 35 -13.31 9.90 -4.37
C VAL A 35 -12.29 9.96 -5.50
N ALA A 36 -12.63 10.67 -6.56
N ALA A 36 -12.67 10.56 -6.62
CA ALA A 36 -11.70 10.85 -7.68
CA ALA A 36 -11.76 10.60 -7.76
C ALA A 36 -10.37 11.40 -7.20
C ALA A 36 -10.43 11.27 -7.38
N GLN A 37 -10.41 12.50 -6.44
N GLN A 37 -10.50 12.32 -6.56
CA GLN A 37 -9.17 13.16 -5.99
CA GLN A 37 -9.29 13.01 -6.11
C GLN A 37 -8.40 12.29 -5.02
C GLN A 37 -8.46 12.14 -5.17
N TYR A 38 -9.09 11.56 -4.14
CA TYR A 38 -8.39 10.63 -3.25
C TYR A 38 -7.75 9.48 -4.01
N LEU A 39 -8.41 8.94 -5.03
CA LEU A 39 -7.79 7.84 -5.77
C LEU A 39 -6.53 8.30 -6.48
N ALA A 40 -6.52 9.52 -7.02
CA ALA A 40 -5.31 10.06 -7.63
C ALA A 40 -4.19 10.19 -6.59
N ARG A 41 -4.53 10.68 -5.41
N ARG A 41 -4.52 10.67 -5.41
CA ARG A 41 -3.56 10.84 -4.33
CA ARG A 41 -3.53 10.84 -4.35
C ARG A 41 -3.00 9.48 -3.91
C ARG A 41 -2.99 9.49 -3.88
N LEU A 42 -3.87 8.51 -3.71
CA LEU A 42 -3.43 7.16 -3.36
C LEU A 42 -2.50 6.57 -4.43
N ALA A 43 -2.80 6.82 -5.70
N ALA A 43 -2.87 6.73 -5.69
CA ALA A 43 -1.86 6.35 -6.73
CA ALA A 43 -2.01 6.15 -6.74
C ALA A 43 -0.48 6.97 -6.53
C ALA A 43 -0.61 6.70 -6.65
N SER A 44 -0.42 8.26 -6.22
N SER A 44 -0.47 7.99 -6.35
CA SER A 44 0.89 8.90 -6.05
CA SER A 44 0.85 8.60 -6.17
C SER A 44 1.59 8.39 -4.80
C SER A 44 1.56 8.00 -4.96
N LEU A 45 0.84 8.14 -3.74
N LEU A 45 0.85 7.88 -3.84
CA LEU A 45 1.43 7.58 -2.53
CA LEU A 45 1.45 7.32 -2.64
C LEU A 45 1.90 6.15 -2.73
C LEU A 45 1.92 5.88 -2.86
N TYR A 46 1.08 5.30 -3.38
N TYR A 46 1.18 5.11 -3.67
CA TYR A 46 1.44 3.89 -3.54
CA TYR A 46 1.69 3.80 -4.05
C TYR A 46 2.64 3.70 -4.45
C TYR A 46 3.01 3.92 -4.78
N THR A 47 2.76 4.53 -5.49
N THR A 47 3.08 4.87 -5.72
CA THR A 47 3.92 4.47 -6.37
CA THR A 47 4.30 5.04 -6.50
C THR A 47 5.19 4.87 -5.63
C THR A 47 5.48 5.38 -5.59
N ARG A 48 5.10 5.93 -4.83
N ARG A 48 5.27 6.28 -4.63
CA ARG A 48 6.22 6.35 -3.99
CA ARG A 48 6.37 6.67 -3.74
C ARG A 48 6.64 5.23 -3.05
C ARG A 48 6.69 5.56 -2.74
N HIS A 49 5.67 4.60 -2.38
N HIS A 49 5.67 4.90 -2.20
CA HIS A 49 6.00 3.53 -1.44
CA HIS A 49 5.93 3.81 -1.28
C HIS A 49 6.71 2.39 -2.17
C HIS A 49 6.70 2.68 -1.96
N GLU A 50 6.16 1.98 -3.31
N GLU A 50 6.32 2.34 -3.19
CA GLU A 50 6.76 0.87 -4.05
CA GLU A 50 7.06 1.31 -3.92
C GLU A 50 8.22 1.17 -4.40
C GLU A 50 8.51 1.70 -4.11
N GLU A 51 8.52 2.40 -4.83
N GLU A 51 8.78 2.97 -4.42
CA GLU A 51 9.89 2.73 -5.18
CA GLU A 51 10.17 3.38 -4.66
C GLU A 51 10.80 2.71 -3.96
C GLU A 51 11.02 3.20 -3.40
N LEU A 52 10.35 3.25 -2.83
N LEU A 52 10.49 3.59 -2.25
CA LEU A 52 11.15 3.19 -1.62
CA LEU A 52 11.19 3.38 -0.99
C LEU A 52 11.38 1.77 -1.15
C LEU A 52 11.41 1.90 -0.70
N LEU A 53 10.35 0.93 -1.15
N LEU A 53 10.40 1.05 -0.93
CA LEU A 53 10.52 -0.44 -0.71
CA LEU A 53 10.58 -0.39 -0.69
C LEU A 53 11.46 -1.20 -1.63
C LEU A 53 11.65 -0.94 -1.61
N ASN A 54 11.49 -0.86 -2.92
N ASN A 54 11.63 -0.56 -2.89
CA ASN A 54 12.43 -1.53 -3.81
CA ASN A 54 12.66 -1.02 -3.80
C ASN A 54 13.86 -1.14 -3.50
C ASN A 54 14.05 -0.63 -3.30
N ARG A 55 14.10 0.12 -3.17
N ARG A 55 14.19 0.60 -2.79
CA ARG A 55 15.44 0.56 -2.79
CA ARG A 55 15.50 1.06 -2.32
C ARG A 55 15.92 -0.13 -1.53
C ARG A 55 15.90 0.34 -1.03
N ILE A 56 15.03 -0.30 -0.55
N ILE A 56 14.95 0.01 -0.17
CA ILE A 56 15.39 -0.96 0.70
CA ILE A 56 15.28 -0.78 1.02
C ILE A 56 15.70 -2.44 0.46
C ILE A 56 15.75 -2.18 0.61
N LEU A 57 14.92 -3.10 -0.39
N LEU A 57 14.98 -2.84 -0.26
CA LEU A 57 15.23 -4.49 -0.71
CA LEU A 57 15.34 -4.20 -0.68
C LEU A 57 16.55 -4.62 -1.47
C LEU A 57 16.73 -4.26 -1.32
N GLU A 58 16.77 -3.75 -2.46
N GLU A 58 17.05 -3.32 -2.21
CA GLU A 58 18.03 -3.75 -3.20
CA GLU A 58 18.35 -3.33 -2.87
C GLU A 58 19.22 -3.55 -2.27
C GLU A 58 19.48 -3.12 -1.86
N LYS A 59 19.09 -2.63 -1.33
N LYS A 59 19.32 -2.20 -0.92
CA LYS A 59 20.16 -2.30 -0.38
CA LYS A 59 20.34 -2.00 0.10
C LYS A 59 20.45 -3.49 0.54
C LYS A 59 20.50 -3.25 0.97
N ALA A 60 19.41 -4.01 1.20
CA ALA A 60 19.57 -5.21 1.99
C ALA A 60 20.28 -6.31 1.21
N ARG A 61 20.00 -6.43 -0.08
CA ARG A 61 20.71 -7.39 -0.93
C ARG A 61 22.20 -7.07 -0.98
N ARG A 62 22.55 -5.81 -1.17
CA ARG A 62 23.96 -5.41 -1.29
C ARG A 62 24.69 -5.55 0.05
N GLU A 63 23.96 -5.44 1.15
N GLU A 63 23.96 -5.43 1.16
CA GLU A 63 24.49 -5.60 2.49
CA GLU A 63 24.51 -5.59 2.50
C GLU A 63 24.57 -7.05 2.93
C GLU A 63 24.59 -7.06 2.91
N GLY A 64 24.02 -7.97 2.15
CA GLY A 64 24.04 -9.39 2.49
C GLY A 64 23.14 -9.75 3.64
N ASN A 65 22.10 -8.97 3.91
CA ASN A 65 21.22 -9.19 5.06
C ASN A 65 20.15 -10.18 4.62
N LYS A 66 20.50 -11.46 4.69
N LYS A 66 20.50 -11.46 4.68
CA LYS A 66 19.66 -12.51 4.11
CA LYS A 66 19.65 -12.49 4.10
C LYS A 66 18.28 -12.52 4.72
C LYS A 66 18.27 -12.50 4.71
N GLU A 67 18.18 -12.37 6.03
CA GLU A 67 16.85 -12.40 6.64
C GLU A 67 16.01 -11.22 6.20
N ALA A 68 16.58 -10.02 6.18
CA ALA A 68 15.82 -8.87 5.67
C ALA A 68 15.41 -9.07 4.22
N VAL A 69 16.26 -9.64 3.40
CA VAL A 69 15.91 -9.87 2.00
C VAL A 69 14.73 -10.82 1.90
N THR A 70 14.76 -11.93 2.63
CA THR A 70 13.65 -12.88 2.64
C THR A 70 12.33 -12.18 3.00
N LEU A 71 12.34 -11.45 4.09
CA LEU A 71 11.13 -10.80 4.56
C LEU A 71 10.64 -9.75 3.58
N MET A 72 11.58 -9.00 2.98
CA MET A 72 11.23 -7.96 2.02
C MET A 72 10.71 -8.55 0.72
N ASN A 73 11.28 -9.68 0.27
CA ASN A 73 10.71 -10.39 -0.87
C ASN A 73 9.25 -10.78 -0.61
N GLU A 74 8.94 -11.32 0.56
N GLU A 74 8.95 -11.32 0.57
CA GLU A 74 7.55 -11.66 0.85
CA GLU A 74 7.60 -11.73 0.90
C GLU A 74 6.69 -10.40 0.91
C GLU A 74 6.65 -10.52 0.93
N PHE A 75 7.23 -9.33 1.47
N PHE A 75 7.06 -9.46 1.62
CA PHE A 75 6.47 -8.11 1.64
CA PHE A 75 6.24 -8.27 1.74
C PHE A 75 6.20 -7.42 0.31
C PHE A 75 5.96 -7.65 0.37
N THR A 76 7.19 -7.35 -0.58
N THR A 76 7.01 -7.47 -0.45
CA THR A 76 6.92 -6.72 -1.87
CA THR A 76 6.76 -6.86 -1.76
C THR A 76 5.90 -7.51 -2.66
C THR A 76 5.87 -7.73 -2.65
N ALA A 77 6.00 -8.84 -2.61
N ALA A 77 5.83 -9.05 -2.42
CA ALA A 77 5.03 -9.67 -3.34
CA ALA A 77 4.86 -9.88 -3.12
C ALA A 77 3.60 -9.34 -2.93
C ALA A 77 3.43 -9.54 -2.67
N THR A 78 3.35 -9.17 -1.64
N THR A 78 3.21 -9.41 -1.37
CA THR A 78 2.02 -8.83 -1.15
CA THR A 78 1.93 -8.96 -0.85
C THR A 78 1.66 -7.38 -1.43
C THR A 78 1.58 -7.58 -1.40
N PHE A 79 2.65 -6.49 -1.46
N PHE A 79 2.52 -6.64 -1.31
CA PHE A 79 2.41 -5.15 -1.96
CA PHE A 79 2.30 -5.28 -1.83
C PHE A 79 1.82 -5.19 -3.36
C PHE A 79 1.84 -5.30 -3.28
N GLN A 80 2.36 -6.06 -4.22
N GLN A 80 2.48 -6.12 -4.11
CA GLN A 80 1.84 -6.15 -5.58
CA GLN A 80 2.07 -6.22 -5.52
C GLN A 80 0.41 -6.69 -5.62
C GLN A 80 0.62 -6.67 -5.65
N THR A 81 0.02 -7.52 -4.64
N THR A 81 0.20 -7.68 -4.89
CA THR A 81 -1.37 -7.98 -4.59
CA THR A 81 -1.23 -8.03 -4.85
C THR A 81 -2.31 -6.83 -4.24
C THR A 81 -2.08 -6.79 -4.58
N GLY A 82 -1.98 -6.08 -3.20
N GLY A 82 -1.68 -5.98 -3.60
CA GLY A 82 -2.78 -4.91 -2.88
CA GLY A 82 -2.40 -4.73 -3.36
C GLY A 82 -2.82 -3.90 -4.00
C GLY A 82 -2.51 -3.88 -4.60
N LYS A 83 -1.67 -3.67 -4.66
N LYS A 83 -1.41 -3.71 -5.32
CA LYS A 83 -1.63 -2.72 -5.76
CA LYS A 83 -1.42 -2.90 -6.53
C LYS A 83 -2.52 -3.16 -6.90
C LYS A 83 -2.44 -3.44 -7.54
N SER A 84 -2.60 -4.48 -7.14
N SER A 84 -2.45 -4.75 -7.75
CA SER A 84 -3.46 -5.00 -8.20
CA SER A 84 -3.36 -5.32 -8.75
C SER A 84 -4.93 -4.80 -7.85
C SER A 84 -4.81 -5.05 -8.38
N ILE A 85 -5.30 -5.07 -6.60
N ILE A 85 -5.14 -5.21 -7.10
CA ILE A 85 -6.66 -4.81 -6.14
CA ILE A 85 -6.50 -4.95 -6.66
C ILE A 85 -6.99 -3.33 -6.26
C ILE A 85 -6.82 -3.46 -6.73
N PHE A 86 -6.06 -2.47 -5.89
N PHE A 86 -5.86 -2.60 -6.37
CA PHE A 86 -6.30 -1.03 -6.02
CA PHE A 86 -6.06 -1.15 -6.49
C PHE A 86 -6.59 -0.66 -7.47
C PHE A 86 -6.37 -0.75 -7.92
N ASN A 87 -5.76 -1.10 -8.41
N ASN A 87 -5.65 -1.31 -8.89
CA ASN A 87 -5.94 -0.71 -9.80
CA ASN A 87 -6.00 -1.03 -10.28
C ASN A 87 -7.30 -1.18 -10.33
C ASN A 87 -7.42 -1.48 -10.57
N ALA A 88 -7.71 -2.41 -10.00
N ALA A 88 -7.83 -2.63 -10.03
CA ALA A 88 -9.05 -2.88 -10.38
CA ALA A 88 -9.18 -3.11 -10.26
C ALA A 88 -10.12 -1.99 -9.76
C ALA A 88 -10.23 -2.17 -9.67
N MET A 89 -9.93 -1.59 -8.51
CA MET A 89 -10.86 -0.68 -7.86
C MET A 89 -10.98 0.63 -8.64
N VAL A 90 -9.85 1.16 -9.10
N VAL A 90 -9.85 1.13 -9.13
CA VAL A 90 -9.90 2.41 -9.84
CA VAL A 90 -9.89 2.31 -9.97
C VAL A 90 -10.71 2.25 -11.12
C VAL A 90 -10.75 2.05 -11.20
N ALA A 91 -10.53 1.10 -11.78
N ALA A 91 -10.53 0.89 -11.84
CA ALA A 91 -11.32 0.79 -12.97
CA ALA A 91 -11.31 0.54 -13.03
C ALA A 91 -12.79 0.70 -12.64
C ALA A 91 -12.79 0.38 -12.71
N ALA A 92 -13.14 -0.02 -11.57
N ALA A 92 -13.12 -0.08 -11.51
CA ALA A 92 -14.54 -0.14 -11.19
CA ALA A 92 -14.53 -0.17 -11.13
C ALA A 92 -15.17 1.22 -10.94
C ALA A 92 -15.14 1.22 -10.97
N PHE A 93 -14.40 2.17 -10.39
CA PHE A 93 -14.90 3.52 -10.21
C PHE A 93 -15.14 4.19 -11.57
N LYS A 94 -14.17 4.07 -12.48
N LYS A 94 -14.17 4.06 -12.47
CA LYS A 94 -14.33 4.65 -13.81
CA LYS A 94 -14.32 4.58 -13.82
C LYS A 94 -15.50 4.04 -14.56
C LYS A 94 -15.59 4.04 -14.46
N ASN A 95 -15.84 2.79 -14.30
N ASN A 95 -15.85 2.74 -14.29
CA ASN A 95 -16.92 2.08 -14.98
CA ASN A 95 -16.98 2.06 -14.92
C ASN A 95 -18.27 2.23 -14.32
C ASN A 95 -18.31 2.35 -14.22
N GLY A 96 -18.33 2.79 -13.11
N GLY A 96 -18.29 3.04 -13.10
CA GLY A 96 -19.58 2.93 -12.37
CA GLY A 96 -19.49 3.23 -12.31
C GLY A 96 -20.03 1.70 -11.61
C GLY A 96 -20.06 1.97 -11.71
N ASP A 97 -19.15 0.71 -11.43
N ASP A 97 -19.23 1.04 -11.28
CA ASP A 97 -19.50 -0.59 -10.84
CA ASP A 97 -19.64 -0.21 -10.68
C ASP A 97 -19.29 -0.52 -9.33
C ASP A 97 -19.37 -0.11 -9.17
N ASP A 98 -20.32 -0.02 -8.62
N ASP A 98 -20.38 0.30 -8.41
CA ASP A 98 -20.18 0.18 -7.18
CA ASP A 98 -20.18 0.44 -6.97
C ASP A 98 -20.09 -1.14 -6.44
C ASP A 98 -20.13 -0.91 -6.28
N ASP A 99 -20.75 -2.19 -6.95
N ASP A 99 -20.85 -1.92 -6.79
CA ASP A 99 -20.63 -3.50 -6.32
CA ASP A 99 -20.76 -3.25 -6.21
C ASP A 99 -19.19 -4.01 -6.36
C ASP A 99 -19.31 -3.72 -6.16
N SER A 100 -18.50 -3.80 -7.48
N SER A 100 -18.65 -3.76 -7.32
CA SER A 100 -17.10 -4.20 -7.52
CA SER A 100 -17.26 -4.20 -7.36
C SER A 100 -16.23 -3.30 -6.66
C SER A 100 -16.38 -3.32 -6.48
N PHE A 101 -16.55 -2.00 -6.60
CA PHE A 101 -15.74 -1.08 -5.79
C PHE A 101 -15.80 -1.46 -4.31
N GLU A 102 -16.99 -1.77 -3.80
N GLU A 102 -17.01 -1.65 -3.77
CA GLU A 102 -17.09 -2.27 -2.43
CA GLU A 102 -17.14 -1.98 -2.35
C GLU A 102 -16.28 -3.56 -2.27
C GLU A 102 -16.35 -3.24 -2.03
N SER A 103 -16.42 -4.49 -3.23
N SER A 103 -16.45 -4.25 -2.90
CA SER A 103 -15.71 -5.77 -3.14
CA SER A 103 -15.72 -5.51 -2.70
C SER A 103 -14.21 -5.57 -3.08
C SER A 103 -14.23 -5.25 -2.63
N TYR A 104 -13.67 -4.76 -4.00
N TYR A 104 -13.69 -4.58 -3.66
CA TYR A 104 -12.23 -4.52 -4.04
CA TYR A 104 -12.26 -4.32 -3.73
C TYR A 104 -11.75 -3.74 -2.83
C TYR A 104 -11.78 -3.53 -2.52
N LEU A 105 -12.58 -2.85 -2.29
N LEU A 105 -12.59 -2.60 -2.05
CA LEU A 105 -12.17 -2.06 -1.13
CA LEU A 105 -12.25 -1.86 -0.85
C LEU A 105 -11.96 -2.95 0.09
C LEU A 105 -12.03 -2.83 0.32
N GLN A 106 -12.92 -3.85 0.36
N GLN A 106 -12.95 -3.79 0.48
CA GLN A 106 -12.76 -4.79 1.47
CA GLN A 106 -12.78 -4.82 1.51
C GLN A 106 -11.56 -5.70 1.28
C GLN A 106 -11.53 -5.65 1.26
N ALA A 107 -11.30 -6.11 0.03
N ALA A 107 -11.28 -6.04 0.01
CA ALA A 107 -10.14 -6.97 -0.23
CA ALA A 107 -10.11 -6.88 -0.28
C ALA A 107 -8.84 -6.25 0.08
C ALA A 107 -8.82 -6.16 0.03
N LEU A 108 -8.75 -4.97 -0.28
N LEU A 108 -8.72 -4.88 -0.34
CA LEU A 108 -7.53 -4.21 -0.04
CA LEU A 108 -7.50 -4.13 -0.10
C LEU A 108 -7.29 -3.98 1.44
C LEU A 108 -7.22 -4.00 1.39
N GLU A 109 -8.35 -3.91 2.26
N GLU A 109 -8.27 -3.86 2.21
CA GLU A 109 -8.17 -3.82 3.70
CA GLU A 109 -8.06 -3.80 3.65
C GLU A 109 -7.62 -5.13 4.26
C GLU A 109 -7.46 -5.10 4.16
N LYS A 110 -8.22 -6.26 3.87
N LYS A 110 -7.79 -6.23 3.54
CA LYS A 110 -7.76 -7.55 4.39
CA LYS A 110 -7.22 -7.49 3.99
C LYS A 110 -6.33 -7.83 3.94
C LYS A 110 -5.77 -7.64 3.54
N VAL A 111 -6.00 -7.50 2.69
N VAL A 111 -5.41 -7.09 2.36
CA VAL A 111 -4.63 -7.67 2.21
CA VAL A 111 -4.01 -7.13 1.92
C VAL A 111 -3.67 -6.80 3.00
C VAL A 111 -3.14 -6.28 2.84
N THR A 112 -4.05 -5.55 3.27
N THR A 112 -3.61 -5.09 3.17
CA THR A 112 -3.19 -4.67 4.05
CA THR A 112 -2.84 -4.25 4.09
C THR A 112 -3.10 -5.13 5.49
C THR A 112 -2.64 -4.96 5.42
N ALA A 113 -4.22 -5.53 6.07
N ALA A 113 -3.71 -5.53 5.97
CA ALA A 113 -4.21 -5.94 7.47
CA ALA A 113 -3.60 -6.20 7.27
C ALA A 113 -3.31 -7.16 7.68
C ALA A 113 -2.70 -7.42 7.18
N LYS A 114 -3.41 -8.15 6.80
N LYS A 114 -2.85 -8.23 6.14
CA LYS A 114 -2.57 -9.34 6.93
CA LYS A 114 -2.05 -9.45 6.01
C LYS A 114 -1.09 -8.96 6.87
C LYS A 114 -0.57 -9.17 5.79
N GLY A 115 -0.71 -8.15 5.89
N GLY A 115 -0.19 -7.93 5.57
CA GLY A 115 0.68 -7.79 5.70
CA GLY A 115 1.22 -7.61 5.38
C GLY A 115 1.13 -6.70 6.64
C GLY A 115 1.79 -6.90 6.59
N GLU A 116 0.79 -6.82 7.93
N GLU A 116 0.94 -6.58 7.55
CA GLU A 116 1.28 -5.90 8.95
CA GLU A 116 1.39 -5.78 8.69
C GLU A 116 2.23 -6.53 9.94
C GLU A 116 2.29 -6.57 9.63
N THR A 117 2.01 -7.78 10.32
N THR A 117 1.98 -7.85 9.85
CA THR A 117 2.98 -8.44 11.18
CA THR A 117 2.84 -8.66 10.71
C THR A 117 4.33 -8.56 10.48
C THR A 117 4.21 -8.89 10.08
N LEU A 118 4.32 -8.77 9.17
N LEU A 118 4.33 -8.78 8.75
CA LEU A 118 5.57 -8.82 8.40
CA LEU A 118 5.63 -8.80 8.09
C LEU A 118 6.23 -7.45 8.34
C LEU A 118 6.34 -7.46 8.20
N ALA A 119 5.43 -6.40 8.17
N ALA A 119 5.59 -6.37 8.04
CA ALA A 119 5.99 -5.04 8.14
CA ALA A 119 6.19 -5.04 8.12
C ALA A 119 6.75 -4.75 9.42
C ALA A 119 6.87 -4.84 9.46
N ASP A 120 6.18 -5.11 10.57
N ASP A 120 6.26 -5.33 10.54
CA ASP A 120 6.88 -4.92 11.83
CA ASP A 120 6.89 -5.20 11.85
C ASP A 120 8.11 -5.81 11.92
C ASP A 120 8.12 -6.08 11.98
N GLN A 121 8.04 -7.02 11.37
N GLN A 121 8.14 -7.22 11.29
CA GLN A 121 9.20 -7.90 11.37
CA GLN A 121 9.28 -8.13 11.37
C GLN A 121 10.35 -7.30 10.57
C GLN A 121 10.49 -7.56 10.63
N ILE A 122 10.03 -6.57 9.50
N ILE A 122 10.28 -6.89 9.51
CA ILE A 122 11.08 -5.96 8.67
CA ILE A 122 11.38 -6.37 8.71
C ILE A 122 11.73 -4.81 9.41
C ILE A 122 12.21 -5.40 9.52
N ALA A 123 10.95 -4.05 10.17
N ALA A 123 11.54 -4.47 10.21
CA ALA A 123 11.52 -2.99 10.97
CA ALA A 123 12.23 -3.45 10.98
C ALA A 123 12.63 -3.53 11.87
C ALA A 123 13.19 -4.07 11.96
N LYS A 124 12.42 -4.71 12.44
N LYS A 124 12.72 -5.08 12.71
CA LYS A 124 13.38 -5.28 13.38
CA LYS A 124 13.58 -5.77 13.64
C LYS A 124 14.55 -5.95 12.69
C LYS A 124 14.69 -6.53 12.94
N ALA A 125 14.40 -6.35 11.44
N ALA A 125 14.57 -6.74 11.63
CA ALA A 125 15.43 -7.13 10.77
CA ALA A 125 15.61 -7.44 10.88
C ALA A 125 16.49 -6.29 10.10
C ALA A 125 16.63 -6.50 10.26
N LEU A 126 16.18 -5.05 9.73
N LEU A 126 16.24 -5.28 9.89
CA LEU A 126 17.10 -4.25 8.91
CA LEU A 126 17.16 -4.40 9.18
C LEU A 126 18.34 -3.77 9.65
C LEU A 126 18.36 -4.01 10.03
O11 07L B . 1.36 2.75 -0.63
C9 07L B . 0.32 2.26 -0.23
C8 07L B . 0.20 1.25 0.82
C7 07L B . -1.00 0.78 1.16
C2 07L B . -2.20 1.29 0.49
O10 07L B . -0.81 2.74 -0.89
C3 07L B . -2.04 2.25 -0.52
C4 07L B . -3.14 2.77 -1.23
C5 07L B . -4.39 2.31 -0.89
O12 07L B . -5.49 2.80 -1.54
C6 07L B . -4.58 1.35 0.12
C1 07L B . -3.49 0.84 0.79
H1 07L B . 1.15 0.94 1.26
H2 07L B . -1.11 0.04 1.94
H3 07L B . -3.00 3.54 -2.00
H4 07L B . -5.60 2.29 -2.34
H5 07L B . -5.59 1.01 0.36
H6 07L B . -3.63 0.10 1.58
#